data_9KP3
#
_entry.id   9KP3
#
_cell.length_a   48.800
_cell.length_b   124.911
_cell.length_c   58.335
_cell.angle_alpha   90.00
_cell.angle_beta   99.41
_cell.angle_gamma   90.00
#
_symmetry.space_group_name_H-M   'P 1 21 1'
#
loop_
_entity.id
_entity.type
_entity.pdbx_description
1 polymer 'Chemotaxis transducer'
2 non-polymer DI(HYDROXYETHYL)ETHER
3 non-polymer 4-hydroxy-5-methylfuran-3(2H)-one
4 water water
#
_entity_poly.entity_id   1
_entity_poly.type   'polypeptide(L)'
_entity_poly.pdbx_seq_one_letter_code
;HHHHHHSSGLVPRGSHMASMTGGQQMGRGYRMQHSSVLVKSASTQMLDESARLRLEARGELQALRIQRYFMDAFQYGKGF
SRQILFLRDQAQKRFLDAYDLREDLTRQVRTALAANPEVLGLYVVFEPNALDGKDELFVDQPALGSNDKGRFSLYWAQAT
PGQLESESMIESELADTSSGPSGAAYNAWYTCPKESGQPCVLDPYFDKVGERQLLMTSIAFPLELDGKVIGVMGLDINLS
NLQALSEQGNRELYDGVGQVGILSPAGLFAGNSRDAGLLGKNLAKADPQHAGELLQLLAAGKSRLFNENDDLKVLQPLQP
IPGAKPWGVLLEVPKSALLGPALALERQLDDMRREGTWVE
;
_entity_poly.pdbx_strand_id   A,B
#
# COMPACT_ATOMS: atom_id res chain seq x y z
N SER A 50 23.75 -27.35 25.51
CA SER A 50 22.69 -26.68 24.76
C SER A 50 22.82 -25.15 24.90
N ALA A 51 24.06 -24.67 25.02
CA ALA A 51 24.44 -23.28 24.81
C ALA A 51 24.59 -22.95 23.34
N ARG A 52 24.52 -23.95 22.45
CA ARG A 52 24.31 -23.66 21.04
C ARG A 52 23.01 -22.91 20.85
N LEU A 53 21.96 -23.36 21.52
CA LEU A 53 20.63 -22.79 21.34
C LEU A 53 20.57 -21.34 21.75
N ARG A 54 21.48 -20.89 22.62
CA ARG A 54 21.48 -19.48 22.99
C ARG A 54 22.03 -18.63 21.85
N LEU A 55 23.16 -19.06 21.28
CA LEU A 55 23.68 -18.39 20.08
C LEU A 55 22.76 -18.63 18.88
N GLU A 56 22.28 -19.86 18.72
CA GLU A 56 21.26 -20.12 17.71
C GLU A 56 20.10 -19.16 17.86
N ALA A 57 19.69 -18.89 19.10
CA ALA A 57 18.62 -17.93 19.33
C ALA A 57 19.08 -16.51 19.02
N ARG A 58 20.20 -16.10 19.63
CA ARG A 58 20.73 -14.76 19.35
C ARG A 58 20.83 -14.52 17.85
N GLY A 59 21.16 -15.56 17.08
CA GLY A 59 21.27 -15.40 15.64
C GLY A 59 19.95 -15.03 15.00
N GLU A 60 18.87 -15.75 15.36
CA GLU A 60 17.55 -15.36 14.89
C GLU A 60 17.23 -13.93 15.28
N LEU A 61 17.78 -13.45 16.36
CA LEU A 61 17.39 -12.09 16.75
C LEU A 61 18.06 -11.09 15.81
N GLN A 62 19.30 -11.33 15.40
CA GLN A 62 20.10 -10.43 14.55
C GLN A 62 19.61 -10.45 13.11
N ALA A 63 18.97 -11.54 12.68
CA ALA A 63 18.47 -11.70 11.31
C ALA A 63 17.15 -10.97 11.16
N LEU A 64 16.41 -10.90 12.24
CA LEU A 64 15.09 -10.25 12.20
C LEU A 64 15.34 -8.75 12.30
N ARG A 65 16.45 -8.37 12.87
CA ARG A 65 16.84 -6.95 12.93
C ARG A 65 17.04 -6.42 11.50
N ILE A 66 17.74 -7.18 10.66
CA ILE A 66 17.98 -6.83 9.24
C ILE A 66 16.71 -6.99 8.41
N GLN A 67 15.81 -7.88 8.79
CA GLN A 67 14.62 -8.16 7.96
C GLN A 67 13.64 -7.03 8.16
N ARG A 68 13.64 -6.45 9.35
CA ARG A 68 12.80 -5.30 9.73
C ARG A 68 13.24 -4.08 8.95
N TYR A 69 14.54 -3.89 8.88
CA TYR A 69 15.13 -2.70 8.22
C TYR A 69 14.73 -2.66 6.76
N PHE A 70 14.78 -3.79 6.09
CA PHE A 70 14.53 -3.85 4.64
C PHE A 70 13.04 -3.81 4.41
N MET A 71 12.31 -4.31 5.37
CA MET A 71 10.83 -4.36 5.27
C MET A 71 10.29 -2.95 5.45
N ASP A 72 10.84 -2.18 6.35
CA ASP A 72 10.41 -0.78 6.50
C ASP A 72 10.55 -0.10 5.14
N ALA A 73 11.62 -0.39 4.43
CA ALA A 73 11.88 0.26 3.13
C ALA A 73 10.96 -0.29 2.05
N PHE A 74 10.65 -1.55 2.13
CA PHE A 74 9.79 -2.17 1.11
C PHE A 74 8.40 -1.62 1.31
N GLN A 75 8.04 -1.35 2.55
CA GLN A 75 6.71 -0.82 2.86
C GLN A 75 6.63 0.61 2.33
N TYR A 76 7.67 1.38 2.56
CA TYR A 76 7.75 2.79 2.12
C TYR A 76 7.62 2.86 0.61
N GLY A 77 8.33 2.00 -0.11
CA GLY A 77 8.34 2.09 -1.56
C GLY A 77 7.13 1.48 -2.16
N LYS A 78 6.57 0.51 -1.46
CA LYS A 78 5.31 -0.07 -1.93
C LYS A 78 4.24 1.01 -1.82
N GLY A 79 4.23 1.77 -0.74
CA GLY A 79 3.24 2.84 -0.73
C GLY A 79 3.43 3.83 -1.87
N PHE A 80 4.64 4.36 -2.02
CA PHE A 80 4.89 5.36 -3.04
C PHE A 80 4.53 4.84 -4.42
N SER A 81 5.11 3.70 -4.81
CA SER A 81 4.72 3.07 -6.07
C SER A 81 3.22 3.09 -6.26
N ARG A 82 2.46 2.76 -5.22
CA ARG A 82 1.02 2.95 -5.28
C ARG A 82 0.68 4.42 -5.50
N GLN A 83 1.22 5.29 -4.66
CA GLN A 83 0.93 6.71 -4.78
C GLN A 83 1.19 7.20 -6.20
N ILE A 84 2.32 6.79 -6.81
CA ILE A 84 2.59 7.18 -8.21
C ILE A 84 1.38 6.87 -9.06
N LEU A 85 0.84 5.65 -8.92
CA LEU A 85 -0.29 5.23 -9.73
C LEU A 85 -1.58 5.95 -9.35
N PHE A 86 -1.71 6.41 -8.11
CA PHE A 86 -2.81 7.32 -7.83
C PHE A 86 -2.70 8.54 -8.72
N LEU A 87 -1.61 9.31 -8.55
CA LEU A 87 -1.41 10.53 -9.32
C LEU A 87 -1.65 10.31 -10.80
N ARG A 88 -0.99 9.31 -11.39
CA ARG A 88 -1.14 9.11 -12.82
C ARG A 88 -2.60 8.91 -13.19
N ASP A 89 -3.40 8.16 -12.44
CA ASP A 89 -4.86 7.98 -12.74
C ASP A 89 -5.71 9.23 -12.47
N GLN A 90 -5.30 10.04 -11.52
CA GLN A 90 -6.02 11.28 -11.21
C GLN A 90 -5.91 12.22 -12.40
N ALA A 91 -4.81 12.18 -13.11
CA ALA A 91 -4.60 13.09 -14.25
C ALA A 91 -5.47 12.65 -15.41
N GLN A 92 -5.67 11.35 -15.55
CA GLN A 92 -6.49 10.84 -16.65
C GLN A 92 -7.95 11.19 -16.40
N LYS A 93 -8.40 11.08 -15.16
CA LYS A 93 -9.80 11.31 -14.81
C LYS A 93 -10.08 12.82 -14.72
N ARG A 94 -9.08 13.59 -14.30
CA ARG A 94 -9.21 15.06 -14.16
C ARG A 94 -8.89 15.72 -15.49
N PHE A 95 -8.41 14.95 -16.45
CA PHE A 95 -8.08 15.46 -17.82
C PHE A 95 -7.01 16.53 -17.66
N LEU A 96 -5.83 16.09 -17.29
CA LEU A 96 -4.79 17.06 -16.91
C LEU A 96 -3.63 17.09 -17.90
N ASP A 97 -2.81 18.12 -17.78
CA ASP A 97 -1.66 18.29 -18.70
C ASP A 97 -0.50 17.43 -18.26
N ALA A 98 0.16 16.81 -19.22
CA ALA A 98 1.31 15.94 -18.93
C ALA A 98 2.41 16.75 -18.28
N TYR A 99 2.45 18.03 -18.59
CA TYR A 99 3.45 18.92 -17.98
C TYR A 99 3.09 19.12 -16.52
N ASP A 100 1.82 19.38 -16.23
CA ASP A 100 1.50 19.47 -14.81
C ASP A 100 1.79 18.15 -14.12
N LEU A 101 1.35 17.02 -14.67
CA LEU A 101 1.68 15.68 -14.10
C LEU A 101 3.16 15.50 -13.84
N ARG A 102 3.98 15.60 -14.86
CA ARG A 102 5.44 15.36 -14.75
C ARG A 102 6.08 16.26 -13.70
N GLU A 103 5.65 17.50 -13.57
CA GLU A 103 6.23 18.47 -12.61
C GLU A 103 5.92 18.09 -11.16
N ASP A 104 4.74 17.51 -10.92
CA ASP A 104 4.33 17.08 -9.57
C ASP A 104 4.99 15.76 -9.25
N LEU A 105 4.93 14.81 -10.19
CA LEU A 105 5.53 13.46 -10.02
C LEU A 105 7.03 13.62 -9.78
N THR A 106 7.60 14.73 -10.21
CA THR A 106 9.05 14.99 -10.01
C THR A 106 9.21 15.60 -8.63
N ARG A 107 8.26 16.45 -8.24
CA ARG A 107 8.17 17.10 -6.92
C ARG A 107 7.81 16.08 -5.85
N GLN A 108 6.88 15.20 -6.21
CA GLN A 108 6.46 14.13 -5.33
C GLN A 108 7.63 13.21 -5.00
N VAL A 109 8.40 12.84 -6.02
CA VAL A 109 9.50 11.92 -5.76
C VAL A 109 10.50 12.56 -4.82
N ARG A 110 10.90 13.80 -5.11
CA ARG A 110 11.82 14.51 -4.22
C ARG A 110 11.31 14.50 -2.78
N THR A 111 10.04 14.88 -2.57
CA THR A 111 9.47 15.01 -1.24
C THR A 111 9.53 13.71 -0.47
N ALA A 112 9.23 12.58 -1.09
CA ALA A 112 9.24 11.27 -0.41
C ALA A 112 10.65 10.83 0.00
N LEU A 113 11.66 11.16 -0.79
CA LEU A 113 13.03 10.70 -0.48
C LEU A 113 13.53 11.44 0.76
N ALA A 114 13.15 12.70 0.93
CA ALA A 114 13.60 13.50 2.07
C ALA A 114 12.91 13.01 3.33
N ALA A 115 11.79 12.32 3.17
CA ALA A 115 11.02 11.80 4.32
C ALA A 115 11.71 10.57 4.92
N ASN A 116 12.40 9.77 4.12
CA ASN A 116 13.12 8.58 4.62
C ASN A 116 14.61 8.89 4.54
N PRO A 117 15.20 9.45 5.62
CA PRO A 117 16.63 9.73 5.66
C PRO A 117 17.48 8.48 5.42
N GLU A 118 16.86 7.30 5.42
CA GLU A 118 17.59 6.03 5.25
C GLU A 118 17.73 5.59 3.80
N VAL A 119 16.95 6.20 2.91
CA VAL A 119 17.01 5.88 1.46
C VAL A 119 18.01 6.81 0.79
N LEU A 120 18.91 6.27 -0.03
CA LEU A 120 19.93 7.10 -0.70
C LEU A 120 19.31 7.75 -1.93
N GLY A 121 18.37 7.04 -2.55
CA GLY A 121 17.76 7.58 -3.76
C GLY A 121 16.48 6.91 -4.15
N LEU A 122 15.65 7.69 -4.81
CA LEU A 122 14.35 7.20 -5.30
C LEU A 122 14.31 7.42 -6.82
N TYR A 123 13.90 6.41 -7.56
CA TYR A 123 13.87 6.47 -9.03
C TYR A 123 12.50 6.01 -9.57
N VAL A 124 12.00 6.73 -10.55
CA VAL A 124 10.77 6.31 -11.25
C VAL A 124 11.07 6.32 -12.75
N VAL A 125 10.87 5.17 -13.38
CA VAL A 125 11.10 4.99 -14.84
C VAL A 125 9.85 4.39 -15.42
N PHE A 126 9.15 5.16 -16.24
CA PHE A 126 7.96 4.62 -16.94
C PHE A 126 8.42 4.03 -18.27
N GLU A 127 7.56 3.21 -18.84
CA GLU A 127 7.86 2.61 -20.15
C GLU A 127 7.52 3.67 -21.21
N PRO A 128 8.24 3.74 -22.35
CA PRO A 128 7.99 4.77 -23.34
C PRO A 128 6.52 5.13 -23.62
N ASN A 129 6.13 6.38 -23.35
CA ASN A 129 4.75 6.91 -23.61
C ASN A 129 3.71 6.17 -22.77
N ALA A 130 4.03 5.84 -21.53
CA ALA A 130 3.11 5.03 -20.71
C ALA A 130 2.64 5.79 -19.47
N LEU A 131 3.11 7.02 -19.27
CA LEU A 131 2.59 7.85 -18.18
C LEU A 131 1.55 8.81 -18.72
N ASP A 132 1.82 9.45 -19.85
CA ASP A 132 0.94 10.52 -20.37
C ASP A 132 0.68 10.40 -21.87
N GLY A 133 1.40 9.50 -22.55
CA GLY A 133 1.27 9.32 -24.01
C GLY A 133 1.92 10.44 -24.78
N LYS A 134 2.77 11.22 -24.11
CA LYS A 134 3.38 12.42 -24.73
C LYS A 134 4.84 12.53 -24.32
N ASP A 135 5.66 11.55 -24.67
CA ASP A 135 7.11 11.57 -24.35
C ASP A 135 7.80 12.50 -25.35
N GLU A 136 7.31 12.50 -26.60
CA GLU A 136 7.84 13.35 -27.70
C GLU A 136 7.73 14.82 -27.34
N LEU A 137 6.76 15.14 -26.51
CA LEU A 137 6.61 16.51 -26.05
C LEU A 137 7.56 16.89 -24.94
N PHE A 138 8.43 15.99 -24.54
CA PHE A 138 9.27 16.23 -23.35
C PHE A 138 10.73 15.86 -23.54
N VAL A 139 11.16 15.49 -24.73
CA VAL A 139 12.56 15.21 -25.05
C VAL A 139 13.52 16.23 -24.45
N ASP A 140 14.59 15.73 -23.83
CA ASP A 140 15.69 16.59 -23.30
C ASP A 140 15.19 17.62 -22.29
N GLN A 141 14.22 17.26 -21.46
CA GLN A 141 13.73 18.15 -20.39
C GLN A 141 13.99 17.45 -19.06
N PRO A 142 15.21 17.47 -18.52
CA PRO A 142 15.52 16.70 -17.32
C PRO A 142 14.73 17.13 -16.07
N ALA A 143 14.55 18.44 -15.87
CA ALA A 143 13.85 18.96 -14.68
C ALA A 143 12.40 18.48 -14.58
N LEU A 144 11.92 17.72 -15.56
CA LEU A 144 10.55 17.17 -15.56
C LEU A 144 10.59 15.64 -15.55
N GLY A 145 11.74 15.06 -15.20
CA GLY A 145 11.91 13.60 -15.16
C GLY A 145 11.99 13.01 -16.53
N SER A 146 12.20 13.86 -17.54
CA SER A 146 12.16 13.41 -18.96
C SER A 146 13.57 13.38 -19.55
N ASN A 147 13.83 12.47 -20.50
CA ASN A 147 15.21 12.23 -20.98
C ASN A 147 15.48 12.53 -22.44
N ASP A 148 16.47 11.85 -22.99
CA ASP A 148 16.92 12.00 -24.39
C ASP A 148 15.84 11.60 -25.40
N LYS A 149 14.84 10.88 -24.95
CA LYS A 149 13.79 10.38 -25.86
C LYS A 149 12.44 10.73 -25.24
N GLY A 150 12.44 11.61 -24.24
CA GLY A 150 11.20 12.10 -23.61
C GLY A 150 10.60 11.16 -22.59
N ARG A 151 11.37 10.19 -22.13
CA ARG A 151 10.82 9.17 -21.23
C ARG A 151 10.90 9.59 -19.77
N PHE A 152 9.87 9.29 -18.98
CA PHE A 152 9.95 9.52 -17.52
C PHE A 152 10.92 8.53 -16.89
N SER A 153 12.19 8.92 -16.79
CA SER A 153 13.30 8.22 -16.13
C SER A 153 13.84 9.25 -15.14
N LEU A 154 13.42 9.17 -13.87
CA LEU A 154 13.81 10.17 -12.86
C LEU A 154 14.60 9.53 -11.75
N TYR A 155 15.56 10.26 -11.22
CA TYR A 155 16.26 9.80 -10.03
C TYR A 155 16.60 10.99 -9.15
N TRP A 156 16.04 11.02 -7.95
CA TRP A 156 16.47 11.93 -6.89
C TRP A 156 17.41 11.18 -5.97
N ALA A 157 18.35 11.90 -5.37
CA ALA A 157 19.38 11.26 -4.54
C ALA A 157 19.75 12.12 -3.32
N GLN A 158 19.99 11.50 -2.16
CA GLN A 158 20.28 12.21 -0.90
C GLN A 158 21.57 11.67 -0.32
N ALA A 159 22.71 12.16 -0.80
CA ALA A 159 24.01 11.68 -0.34
C ALA A 159 24.38 12.35 0.98
N THR A 160 23.66 13.40 1.34
CA THR A 160 24.07 14.18 2.53
C THR A 160 23.05 13.95 3.66
N GLY A 162 21.21 16.33 4.07
CA GLY A 162 19.86 16.56 3.51
C GLY A 162 19.89 17.48 2.30
N GLN A 163 20.85 17.29 1.41
CA GLN A 163 20.91 18.07 0.16
C GLN A 163 20.50 17.14 -0.97
N LEU A 164 19.43 17.48 -1.69
CA LEU A 164 18.88 16.54 -2.70
C LEU A 164 19.16 17.00 -4.12
N GLU A 165 19.52 16.07 -5.00
CA GLU A 165 19.83 16.32 -6.40
C GLU A 165 19.12 15.32 -7.29
N SER A 166 18.68 15.77 -8.47
CA SER A 166 17.87 14.95 -9.37
C SER A 166 18.56 14.80 -10.71
N GLU A 167 18.06 13.84 -11.51
CA GLU A 167 18.61 13.64 -12.83
C GLU A 167 17.72 12.71 -13.65
N SER A 168 17.73 12.92 -14.94
CA SER A 168 17.04 12.06 -15.88
C SER A 168 18.04 11.12 -16.53
N MET A 169 17.65 9.86 -16.65
CA MET A 169 18.56 8.78 -16.98
C MET A 169 18.32 8.42 -18.44
N ILE A 170 19.35 8.63 -19.25
CA ILE A 170 19.23 8.56 -20.70
C ILE A 170 19.06 7.12 -21.09
N GLU A 171 18.68 6.90 -22.35
CA GLU A 171 18.43 5.52 -22.78
C GLU A 171 19.66 4.64 -22.66
N SER A 172 20.86 5.18 -22.83
CA SER A 172 22.03 4.32 -22.76
C SER A 172 22.18 3.72 -21.36
N GLU A 173 21.96 4.51 -20.32
CA GLU A 173 22.02 4.03 -18.92
C GLU A 173 20.99 2.93 -18.66
N LEU A 174 19.75 3.17 -19.04
CA LEU A 174 18.70 2.16 -18.86
C LEU A 174 19.03 0.86 -19.56
N ALA A 175 19.85 0.88 -20.62
CA ALA A 175 20.21 -0.33 -21.35
C ALA A 175 21.59 -0.85 -20.96
N ASP A 176 22.26 -0.28 -19.99
CA ASP A 176 23.55 -0.80 -19.56
C ASP A 176 23.42 -2.15 -18.83
N THR A 177 23.87 -3.23 -19.46
CA THR A 177 23.83 -4.58 -18.89
C THR A 177 25.20 -5.01 -18.42
N SER A 178 26.05 -4.10 -17.97
CA SER A 178 27.37 -4.40 -17.38
C SER A 178 27.19 -5.38 -16.24
N SER A 179 28.12 -6.30 -16.05
CA SER A 179 28.13 -7.23 -14.91
C SER A 179 28.63 -6.48 -13.68
N GLY A 180 28.04 -6.72 -12.53
CA GLY A 180 28.46 -6.08 -11.29
C GLY A 180 29.34 -6.96 -10.48
N PRO A 181 29.51 -6.76 -9.17
CA PRO A 181 30.29 -7.66 -8.32
C PRO A 181 29.66 -9.06 -8.21
N SER A 182 28.34 -9.13 -8.27
CA SER A 182 27.57 -10.36 -8.48
C SER A 182 27.52 -10.62 -9.99
N GLY A 183 26.92 -11.67 -10.51
CA GLY A 183 26.88 -11.75 -12.00
C GLY A 183 25.77 -10.96 -12.68
N ALA A 184 25.13 -10.04 -11.95
CA ALA A 184 23.94 -9.25 -12.26
C ALA A 184 24.19 -8.02 -13.12
N ALA A 185 23.21 -7.73 -13.94
CA ALA A 185 23.23 -6.60 -14.87
C ALA A 185 23.28 -5.30 -14.11
N TYR A 186 23.90 -4.29 -14.68
CA TYR A 186 23.91 -3.03 -13.93
C TYR A 186 22.50 -2.49 -13.88
N ASN A 187 21.72 -2.71 -14.93
CA ASN A 187 20.33 -2.18 -15.09
C ASN A 187 19.28 -3.08 -14.48
N ALA A 188 19.59 -3.80 -13.42
CA ALA A 188 18.67 -4.79 -12.83
C ALA A 188 17.70 -4.12 -11.87
N TRP A 189 17.93 -2.86 -11.61
CA TRP A 189 17.08 -2.07 -10.72
C TRP A 189 15.84 -1.69 -11.48
N TYR A 190 15.84 -2.01 -12.75
CA TYR A 190 14.71 -1.69 -13.62
C TYR A 190 14.25 -2.96 -14.29
N THR A 191 15.21 -3.77 -14.71
CA THR A 191 14.80 -4.95 -15.54
C THR A 191 14.25 -6.12 -14.73
N CYS A 192 14.67 -6.32 -13.49
CA CYS A 192 14.17 -7.40 -12.62
C CYS A 192 12.68 -7.15 -12.42
N PRO A 193 12.27 -6.04 -11.78
CA PRO A 193 10.85 -5.74 -11.64
C PRO A 193 10.04 -5.92 -12.93
N LYS A 194 10.52 -5.44 -14.08
CA LYS A 194 9.77 -5.47 -15.35
C LYS A 194 9.57 -6.89 -15.86
N GLU A 195 10.59 -7.69 -15.79
CA GLU A 195 10.53 -9.07 -16.31
C GLU A 195 9.71 -10.00 -15.41
N SER A 196 9.53 -9.68 -14.12
CA SER A 196 8.89 -10.56 -13.11
C SER A 196 7.44 -10.22 -12.82
N GLY A 197 7.10 -8.95 -12.66
CA GLY A 197 5.74 -8.60 -12.23
C GLY A 197 5.77 -8.49 -10.74
N GLN A 198 6.96 -8.59 -10.19
CA GLN A 198 7.09 -8.61 -8.73
C GLN A 198 8.22 -7.72 -8.23
N PRO A 199 8.18 -7.30 -6.96
CA PRO A 199 9.24 -6.50 -6.36
C PRO A 199 10.53 -7.32 -6.22
N CYS A 200 11.67 -6.64 -6.23
CA CYS A 200 12.99 -7.28 -6.26
C CYS A 200 13.98 -6.63 -5.30
N VAL A 201 14.71 -7.44 -4.53
CA VAL A 201 15.86 -6.94 -3.72
C VAL A 201 17.05 -7.30 -4.59
N LEU A 202 18.08 -6.49 -4.59
CA LEU A 202 19.19 -6.69 -5.53
C LEU A 202 20.46 -6.89 -4.73
N ASP A 203 21.29 -7.82 -5.18
CA ASP A 203 22.60 -8.06 -4.55
C ASP A 203 23.36 -6.76 -4.62
N PRO A 204 24.40 -6.59 -3.82
CA PRO A 204 25.10 -5.35 -3.84
C PRO A 204 25.74 -4.95 -5.19
N TYR A 205 25.56 -3.70 -5.60
CA TYR A 205 26.11 -3.15 -6.87
C TYR A 205 26.57 -1.72 -6.71
N PHE A 206 27.41 -1.26 -7.63
CA PHE A 206 27.98 0.11 -7.61
C PHE A 206 27.24 1.02 -8.58
N ASP A 207 26.89 2.24 -8.14
CA ASP A 207 26.22 3.22 -9.02
C ASP A 207 26.71 4.59 -8.58
N LYS A 208 26.61 5.58 -9.46
CA LYS A 208 27.13 6.93 -9.19
C LYS A 208 26.05 7.86 -8.67
N VAL A 209 26.09 8.15 -7.39
CA VAL A 209 25.15 9.15 -6.83
C VAL A 209 25.97 10.43 -6.72
N GLY A 210 25.97 11.23 -7.78
CA GLY A 210 26.79 12.44 -7.84
C GLY A 210 28.12 12.19 -8.48
N GLU A 211 29.18 12.39 -7.72
CA GLU A 211 30.55 12.26 -8.27
C GLU A 211 31.27 11.36 -7.29
N ARG A 212 30.77 10.15 -7.17
CA ARG A 212 31.45 9.18 -6.31
C ARG A 212 30.90 7.81 -6.68
N GLN A 213 31.72 6.77 -6.64
CA GLN A 213 31.18 5.42 -6.87
C GLN A 213 30.78 4.81 -5.52
N LEU A 214 29.49 4.53 -5.33
CA LEU A 214 28.99 4.03 -4.03
C LEU A 214 28.38 2.65 -4.24
N LEU A 215 28.61 1.75 -3.28
CA LEU A 215 27.98 0.42 -3.33
C LEU A 215 26.65 0.55 -2.61
N MET A 216 25.64 -0.12 -3.14
CA MET A 216 24.26 -0.02 -2.63
C MET A 216 23.43 -1.23 -3.00
N THR A 217 22.26 -1.36 -2.38
CA THR A 217 21.27 -2.36 -2.79
C THR A 217 20.06 -1.56 -3.24
N SER A 218 19.10 -2.25 -3.84
CA SER A 218 17.92 -1.55 -4.35
C SER A 218 16.65 -2.37 -4.17
N ILE A 219 15.60 -1.77 -3.62
CA ILE A 219 14.28 -2.44 -3.61
C ILE A 219 13.53 -1.86 -4.80
N ALA A 220 13.24 -2.69 -5.79
CA ALA A 220 12.63 -2.26 -7.06
C ALA A 220 11.21 -2.77 -7.20
N PHE A 221 10.33 -1.86 -7.53
CA PHE A 221 8.91 -2.21 -7.56
C PHE A 221 8.33 -2.01 -8.95
N PRO A 222 7.43 -2.92 -9.33
CA PRO A 222 6.75 -2.79 -10.58
C PRO A 222 5.54 -1.84 -10.49
N LEU A 223 5.34 -0.99 -11.49
CA LEU A 223 4.12 -0.19 -11.57
C LEU A 223 3.20 -0.96 -12.53
N GLU A 224 2.26 -1.70 -11.98
CA GLU A 224 1.31 -2.43 -12.81
C GLU A 224 0.08 -1.59 -13.09
N LEU A 225 -0.55 -1.87 -14.22
CA LEU A 225 -1.84 -1.24 -14.53
C LEU A 225 -2.61 -2.23 -15.40
N ASP A 226 -3.71 -2.76 -14.86
CA ASP A 226 -4.50 -3.77 -15.54
C ASP A 226 -3.61 -4.95 -15.98
N GLY A 227 -2.70 -5.36 -15.10
CA GLY A 227 -1.85 -6.51 -15.37
C GLY A 227 -0.45 -6.18 -15.87
N LYS A 228 -0.33 -5.32 -16.88
CA LYS A 228 0.97 -5.03 -17.46
C LYS A 228 1.85 -4.20 -16.53
N VAL A 229 3.15 -4.51 -16.52
CA VAL A 229 4.10 -3.55 -16.01
C VAL A 229 4.17 -2.38 -16.98
N ILE A 230 3.99 -1.16 -16.47
CA ILE A 230 4.05 0.04 -17.29
C ILE A 230 5.21 0.95 -16.91
N GLY A 231 6.03 0.54 -15.95
CA GLY A 231 7.09 1.35 -15.42
C GLY A 231 7.60 0.71 -14.16
N VAL A 232 8.64 1.30 -13.61
CA VAL A 232 9.28 0.73 -12.41
C VAL A 232 9.68 1.85 -11.46
N MET A 233 9.44 1.67 -10.17
CA MET A 233 9.97 2.60 -9.15
C MET A 233 10.92 1.83 -8.23
N GLY A 234 11.84 2.53 -7.62
CA GLY A 234 12.67 1.81 -6.68
C GLY A 234 13.38 2.66 -5.69
N LEU A 235 13.90 2.00 -4.67
CA LEU A 235 14.62 2.65 -3.56
C LEU A 235 16.02 2.09 -3.58
N ASP A 236 16.99 2.94 -3.26
CA ASP A 236 18.41 2.56 -3.22
C ASP A 236 18.90 2.76 -1.81
N ILE A 237 19.59 1.77 -1.26
CA ILE A 237 20.13 1.85 0.12
C ILE A 237 21.67 1.80 0.09
N ASN A 238 22.31 2.84 0.58
CA ASN A 238 23.79 2.82 0.67
C ASN A 238 24.17 1.59 1.50
N LEU A 239 25.09 0.78 0.99
CA LEU A 239 25.51 -0.45 1.70
C LEU A 239 26.39 -0.03 2.87
N SER A 240 26.41 1.26 3.17
CA SER A 240 27.12 1.77 4.36
C SER A 240 26.12 1.82 5.50
N ASN A 241 24.85 1.84 5.16
CA ASN A 241 23.74 1.87 6.15
C ASN A 241 23.47 0.44 6.58
N LEU A 242 23.84 -0.50 5.75
CA LEU A 242 23.67 -1.94 6.08
C LEU A 242 24.96 -2.39 6.77
N GLN A 243 26.05 -1.68 6.55
CA GLN A 243 27.30 -1.94 7.27
C GLN A 243 27.07 -1.45 8.69
N ALA A 244 26.37 -0.32 8.81
CA ALA A 244 26.15 0.21 10.15
C ALA A 244 25.20 -0.66 10.96
N LEU A 245 24.20 -1.22 10.32
CA LEU A 245 23.30 -2.16 10.97
C LEU A 245 24.13 -3.38 11.44
N SER A 246 25.07 -3.92 10.65
CA SER A 246 25.98 -4.97 11.08
C SER A 246 26.57 -4.62 12.42
N GLU A 247 27.30 -3.50 12.44
CA GLU A 247 27.91 -3.01 13.65
C GLU A 247 26.88 -2.90 14.77
N GLN A 248 25.80 -2.15 14.58
CA GLN A 248 24.79 -1.91 15.63
C GLN A 248 24.33 -3.18 16.32
N GLY A 249 23.97 -4.18 15.51
CA GLY A 249 23.47 -5.48 15.93
C GLY A 249 24.52 -6.26 16.62
N ASN A 250 25.73 -6.22 16.14
CA ASN A 250 26.80 -6.97 16.79
C ASN A 250 26.94 -6.55 18.25
N ARG A 251 26.70 -5.29 18.57
CA ARG A 251 26.94 -4.88 19.94
C ARG A 251 25.82 -5.35 20.86
N GLU A 252 24.75 -5.80 20.25
CA GLU A 252 23.67 -6.45 20.99
C GLU A 252 24.01 -7.93 21.04
N LEU A 253 25.21 -8.28 20.62
CA LEU A 253 25.60 -9.68 20.53
C LEU A 253 26.84 -9.90 21.40
N TYR A 254 26.58 -10.21 22.65
CA TYR A 254 27.59 -10.43 23.70
C TYR A 254 28.47 -9.19 23.83
N ASP A 255 27.97 -7.95 23.68
CA ASP A 255 28.76 -6.73 23.73
C ASP A 255 29.84 -6.75 22.68
N GLY A 256 29.47 -7.12 21.46
CA GLY A 256 30.35 -6.99 20.31
C GLY A 256 31.74 -7.56 20.47
N VAL A 257 31.89 -8.57 21.30
CA VAL A 257 33.20 -9.27 21.39
C VAL A 257 33.32 -10.15 20.14
N GLY A 258 32.19 -10.52 19.55
CA GLY A 258 32.20 -11.31 18.32
C GLY A 258 32.09 -10.46 17.07
N GLN A 259 31.49 -11.04 16.02
CA GLN A 259 31.29 -10.30 14.78
C GLN A 259 30.02 -10.76 14.08
N VAL A 260 29.45 -9.85 13.30
CA VAL A 260 28.23 -10.07 12.54
C VAL A 260 28.42 -9.48 11.15
N GLY A 261 28.19 -10.30 10.12
CA GLY A 261 28.21 -9.81 8.75
C GLY A 261 26.95 -10.20 8.00
N ILE A 262 26.54 -9.33 7.08
CA ILE A 262 25.36 -9.62 6.22
C ILE A 262 25.86 -10.12 4.85
N LEU A 263 25.28 -11.21 4.36
CA LEU A 263 25.71 -11.79 3.06
C LEU A 263 24.57 -11.77 2.03
N SER A 264 24.89 -11.34 0.80
CA SER A 264 23.92 -11.31 -0.32
C SER A 264 23.71 -12.71 -0.80
N PRO A 265 22.64 -13.01 -1.54
CA PRO A 265 22.52 -14.37 -2.11
C PRO A 265 23.62 -14.71 -3.11
N ALA A 266 24.39 -13.75 -3.60
CA ALA A 266 25.54 -14.01 -4.50
C ALA A 266 26.78 -14.26 -3.67
N GLY A 267 26.69 -14.07 -2.37
CA GLY A 267 27.83 -14.29 -1.47
C GLY A 267 28.64 -13.04 -1.20
N LEU A 268 28.12 -11.88 -1.55
CA LEU A 268 28.81 -10.61 -1.27
C LEU A 268 28.46 -10.11 0.13
N PHE A 269 29.39 -9.41 0.74
CA PHE A 269 29.18 -8.87 2.10
C PHE A 269 28.46 -7.54 2.02
N ALA A 270 27.31 -7.43 2.69
CA ALA A 270 26.48 -6.21 2.68
C ALA A 270 26.60 -5.64 4.07
N GLY A 271 27.66 -6.00 4.74
CA GLY A 271 27.90 -5.58 6.12
C GLY A 271 28.80 -6.53 6.84
N ASN A 272 29.89 -6.02 7.42
CA ASN A 272 30.78 -6.83 8.30
C ASN A 272 31.21 -5.95 9.46
N SER A 273 30.79 -6.31 10.67
CA SER A 273 31.07 -5.49 11.87
C SER A 273 32.58 -5.35 12.11
N ARG A 274 33.37 -6.31 11.62
CA ARG A 274 34.84 -6.34 11.85
C ARG A 274 35.60 -5.71 10.69
N ASP A 275 35.27 -6.03 9.44
CA ASP A 275 35.95 -5.34 8.32
C ASP A 275 34.94 -4.68 7.37
N ALA A 276 35.01 -3.35 7.22
CA ALA A 276 34.12 -2.59 6.31
C ALA A 276 34.75 -2.60 4.94
N GLY A 277 35.95 -3.15 4.86
CA GLY A 277 36.64 -3.27 3.56
C GLY A 277 36.17 -4.51 2.87
N LEU A 278 35.36 -5.30 3.55
CA LEU A 278 34.86 -6.56 3.00
C LEU A 278 33.49 -6.28 2.40
N LEU A 279 33.19 -5.01 2.15
CA LEU A 279 31.91 -4.61 1.51
C LEU A 279 32.02 -4.73 -0.01
N GLY A 280 31.19 -5.58 -0.60
CA GLY A 280 31.19 -5.77 -2.06
C GLY A 280 32.11 -6.88 -2.43
N LYS A 281 32.56 -7.60 -1.42
CA LYS A 281 33.53 -8.69 -1.64
C LYS A 281 32.83 -10.02 -1.39
N ASN A 282 33.34 -11.05 -2.03
CA ASN A 282 32.74 -12.39 -1.88
C ASN A 282 33.02 -12.89 -0.47
N LEU A 283 32.37 -13.98 -0.05
CA LEU A 283 32.60 -14.61 1.26
C LEU A 283 34.03 -15.16 1.28
N ALA A 284 34.49 -15.67 0.14
CA ALA A 284 35.79 -16.30 -0.19
C ALA A 284 36.98 -15.37 0.01
N LYS A 285 36.79 -14.05 0.12
CA LYS A 285 37.89 -13.16 0.53
C LYS A 285 38.14 -13.33 2.03
N ALA A 286 37.15 -13.76 2.80
CA ALA A 286 37.38 -13.89 4.26
C ALA A 286 37.21 -15.33 4.75
N ASP A 287 36.46 -16.17 4.05
CA ASP A 287 36.20 -17.54 4.58
C ASP A 287 36.16 -18.55 3.45
N PRO A 288 37.27 -18.87 2.77
CA PRO A 288 37.25 -19.88 1.72
C PRO A 288 36.90 -21.27 2.28
N GLN A 289 37.41 -21.56 3.48
CA GLN A 289 37.23 -22.85 4.19
C GLN A 289 35.75 -23.26 4.17
N ALA A 291 32.76 -21.54 2.62
CA ALA A 291 32.17 -20.48 1.77
C ALA A 291 31.14 -21.11 0.84
N GLY A 292 31.59 -21.96 -0.04
CA GLY A 292 30.69 -22.64 -0.96
C GLY A 292 29.71 -23.43 -0.15
N GLU A 293 30.19 -23.99 0.97
CA GLU A 293 29.24 -24.72 1.84
C GLU A 293 28.21 -23.73 2.36
N LEU A 294 28.64 -22.55 2.81
CA LEU A 294 27.70 -21.54 3.36
C LEU A 294 26.77 -20.96 2.29
N LEU A 295 27.30 -20.61 1.12
CA LEU A 295 26.59 -19.97 0.00
C LEU A 295 25.60 -20.94 -0.63
N GLN A 296 25.76 -22.22 -0.36
CA GLN A 296 24.87 -23.27 -0.88
C GLN A 296 23.75 -23.49 0.11
N LEU A 297 24.07 -23.46 1.39
CA LEU A 297 23.06 -23.66 2.46
C LEU A 297 22.13 -22.48 2.54
N LEU A 298 22.66 -21.28 2.38
CA LEU A 298 21.85 -20.05 2.44
C LEU A 298 20.82 -20.08 1.33
N ALA A 299 21.24 -20.45 0.15
CA ALA A 299 20.33 -20.58 -1.00
C ALA A 299 19.21 -21.53 -0.63
N ALA A 300 19.47 -22.43 0.30
CA ALA A 300 18.49 -23.46 0.67
C ALA A 300 17.68 -23.05 1.90
N GLY A 301 17.89 -21.85 2.41
CA GLY A 301 17.11 -21.38 3.55
C GLY A 301 17.41 -22.27 4.73
N LYS A 302 18.66 -22.67 4.85
CA LYS A 302 19.04 -23.61 5.91
C LYS A 302 20.00 -22.93 6.88
N SER A 303 19.77 -23.16 8.16
CA SER A 303 20.62 -22.59 9.23
C SER A 303 21.72 -23.57 9.54
N ARG A 304 22.86 -23.12 10.06
CA ARG A 304 23.86 -24.11 10.50
C ARG A 304 24.83 -23.50 11.51
N LEU A 305 25.11 -24.20 12.60
CA LEU A 305 26.14 -23.81 13.59
C LEU A 305 27.36 -24.64 13.29
N PHE A 306 28.51 -24.00 13.27
CA PHE A 306 29.77 -24.70 12.98
C PHE A 306 30.68 -24.62 14.20
N ASN A 307 31.29 -25.74 14.55
CA ASN A 307 32.27 -25.73 15.65
C ASN A 307 33.61 -25.50 14.96
N GLU A 308 34.24 -24.35 15.20
CA GLU A 308 35.50 -24.04 14.47
C GLU A 308 36.47 -23.31 15.41
N ASN A 309 37.63 -23.90 15.68
CA ASN A 309 38.69 -23.29 16.52
C ASN A 309 38.22 -22.77 17.86
N ASP A 310 38.58 -21.53 18.14
CA ASP A 310 38.28 -20.92 19.46
C ASP A 310 37.03 -20.03 19.38
N ASP A 311 36.21 -20.21 18.35
CA ASP A 311 34.97 -19.42 18.18
C ASP A 311 33.90 -20.27 17.49
N LEU A 312 32.65 -20.22 17.94
CA LEU A 312 31.57 -20.87 17.16
C LEU A 312 31.08 -19.91 16.06
N LYS A 313 30.09 -20.28 15.25
CA LYS A 313 29.63 -19.47 14.10
C LYS A 313 28.27 -19.98 13.61
N VAL A 314 27.40 -19.08 13.14
CA VAL A 314 26.02 -19.44 12.70
C VAL A 314 25.62 -18.67 11.44
N LEU A 315 25.04 -19.34 10.46
CA LEU A 315 24.46 -18.67 9.27
C LEU A 315 22.98 -18.60 9.54
N GLN A 316 22.45 -17.39 9.58
CA GLN A 316 21.02 -17.20 9.78
C GLN A 316 20.41 -16.69 8.47
N PRO A 317 19.79 -17.59 7.70
CA PRO A 317 19.10 -17.19 6.52
C PRO A 317 17.88 -16.29 6.78
N LEU A 318 17.69 -15.29 5.92
CA LEU A 318 16.61 -14.29 6.09
C LEU A 318 16.02 -13.92 4.74
N GLN A 319 14.74 -13.59 4.71
CA GLN A 319 14.13 -13.09 3.46
C GLN A 319 13.99 -11.58 3.63
N PRO A 320 14.84 -10.81 2.92
CA PRO A 320 14.81 -9.38 2.99
C PRO A 320 13.41 -8.82 2.69
N ILE A 321 12.89 -9.15 1.52
CA ILE A 321 11.56 -8.66 1.12
C ILE A 321 10.70 -9.88 0.89
N PRO A 322 9.38 -9.75 0.84
CA PRO A 322 8.60 -10.91 0.58
C PRO A 322 9.04 -11.53 -0.75
N GLY A 323 9.11 -12.85 -0.83
CA GLY A 323 9.40 -13.58 -2.07
C GLY A 323 10.82 -13.55 -2.52
N ALA A 324 11.78 -13.36 -1.62
CA ALA A 324 13.15 -13.17 -2.07
C ALA A 324 14.00 -14.39 -1.89
N LYS A 325 15.18 -14.33 -2.48
CA LYS A 325 16.14 -15.43 -2.39
C LYS A 325 16.86 -15.16 -1.09
N PRO A 326 17.16 -16.21 -0.30
CA PRO A 326 17.68 -15.98 1.02
C PRO A 326 18.93 -15.12 1.20
N TRP A 327 18.84 -14.17 2.11
CA TRP A 327 20.00 -13.35 2.48
C TRP A 327 20.43 -13.91 3.83
N GLY A 328 21.57 -13.47 4.32
CA GLY A 328 22.02 -14.13 5.53
C GLY A 328 22.93 -13.36 6.44
N VAL A 329 22.80 -13.65 7.72
CA VAL A 329 23.68 -13.03 8.74
C VAL A 329 24.66 -14.13 9.17
N LEU A 330 25.95 -13.82 9.18
CA LEU A 330 26.99 -14.80 9.61
C LEU A 330 27.59 -14.37 10.95
N LEU A 331 27.23 -15.07 12.01
CA LEU A 331 27.68 -14.79 13.39
C LEU A 331 29.01 -15.47 13.68
N GLU A 332 29.84 -14.85 14.51
CA GLU A 332 31.09 -15.47 14.95
C GLU A 332 31.39 -14.87 16.31
N VAL A 333 30.97 -15.55 17.37
CA VAL A 333 31.27 -15.10 18.75
C VAL A 333 32.38 -15.97 19.33
N PRO A 334 33.47 -15.36 19.84
CA PRO A 334 34.51 -16.10 20.51
C PRO A 334 33.88 -17.16 21.41
N LYS A 335 34.47 -18.36 21.42
CA LYS A 335 33.92 -19.49 22.20
C LYS A 335 34.15 -19.14 23.67
N SER A 336 34.94 -18.11 23.93
CA SER A 336 35.24 -17.66 25.30
C SER A 336 33.98 -17.15 25.99
N ALA A 337 33.26 -16.24 25.35
CA ALA A 337 32.05 -15.64 25.95
C ALA A 337 30.93 -16.68 26.03
N SER B 50 -21.00 -33.40 -10.11
CA SER B 50 -19.80 -32.63 -9.79
C SER B 50 -19.52 -31.59 -10.88
N ALA B 51 -20.59 -31.24 -11.61
CA ALA B 51 -20.67 -29.96 -12.30
C ALA B 51 -21.11 -28.85 -11.35
N ARG B 52 -21.00 -29.09 -10.05
CA ARG B 52 -21.20 -28.08 -9.02
C ARG B 52 -19.95 -27.25 -8.84
N LEU B 53 -18.81 -27.72 -9.37
CA LEU B 53 -17.59 -26.94 -9.51
C LEU B 53 -17.75 -25.80 -10.48
N ARG B 54 -18.78 -25.88 -11.33
CA ARG B 54 -19.12 -24.76 -12.20
C ARG B 54 -19.69 -23.59 -11.39
N LEU B 55 -20.69 -23.86 -10.55
CA LEU B 55 -21.20 -22.83 -9.65
C LEU B 55 -20.11 -22.26 -8.74
N GLU B 56 -19.15 -23.11 -8.32
CA GLU B 56 -18.00 -22.61 -7.57
C GLU B 56 -17.20 -21.57 -8.37
N ALA B 57 -16.75 -21.95 -9.57
CA ALA B 57 -16.00 -21.02 -10.40
C ALA B 57 -16.77 -19.74 -10.69
N ARG B 58 -18.09 -19.84 -10.87
CA ARG B 58 -18.91 -18.64 -10.95
C ARG B 58 -18.79 -17.81 -9.67
N GLY B 59 -19.21 -18.39 -8.53
CA GLY B 59 -19.13 -17.66 -7.28
C GLY B 59 -17.81 -16.94 -7.08
N GLU B 60 -16.72 -17.52 -7.56
CA GLU B 60 -15.42 -16.86 -7.43
C GLU B 60 -15.36 -15.59 -8.23
N LEU B 61 -15.56 -15.67 -9.56
CA LEU B 61 -15.54 -14.49 -10.41
C LEU B 61 -16.46 -13.40 -9.90
N GLN B 62 -17.70 -13.78 -9.59
CA GLN B 62 -18.63 -12.83 -9.01
C GLN B 62 -17.98 -12.04 -7.89
N ALA B 63 -17.39 -12.76 -6.93
CA ALA B 63 -16.74 -12.10 -5.80
C ALA B 63 -15.56 -11.26 -6.26
N LEU B 64 -14.85 -11.68 -7.30
CA LEU B 64 -13.83 -10.82 -7.89
C LEU B 64 -14.43 -9.50 -8.35
N ARG B 65 -15.53 -9.58 -9.12
CA ARG B 65 -16.23 -8.37 -9.53
C ARG B 65 -16.36 -7.45 -8.32
N ILE B 66 -16.88 -8.01 -7.23
CA ILE B 66 -17.21 -7.18 -6.08
C ILE B 66 -15.95 -6.68 -5.41
N GLN B 67 -15.05 -7.59 -5.09
CA GLN B 67 -13.80 -7.19 -4.47
C GLN B 67 -13.08 -6.14 -5.28
N ARG B 68 -13.04 -6.32 -6.61
CA ARG B 68 -12.30 -5.34 -7.38
C ARG B 68 -12.97 -3.97 -7.29
N TYR B 69 -14.29 -3.87 -7.23
CA TYR B 69 -14.94 -2.54 -7.04
C TYR B 69 -14.51 -1.85 -5.75
N PHE B 70 -14.61 -2.53 -4.61
CA PHE B 70 -14.27 -1.95 -3.29
C PHE B 70 -12.78 -1.65 -3.26
N MET B 71 -11.98 -2.45 -3.94
CA MET B 71 -10.51 -2.27 -4.00
C MET B 71 -10.17 -1.10 -4.90
N ASP B 72 -10.90 -0.93 -5.98
CA ASP B 72 -10.70 0.33 -6.69
C ASP B 72 -11.01 1.52 -5.78
N ALA B 73 -12.18 1.49 -5.14
CA ALA B 73 -12.55 2.54 -4.19
C ALA B 73 -11.49 2.72 -3.10
N PHE B 74 -10.98 1.61 -2.58
CA PHE B 74 -9.96 1.67 -1.54
C PHE B 74 -8.69 2.33 -2.06
N GLN B 75 -8.28 1.99 -3.29
CA GLN B 75 -7.05 2.56 -3.84
C GLN B 75 -7.16 4.07 -3.89
N TYR B 76 -8.32 4.56 -4.33
CA TYR B 76 -8.57 6.00 -4.47
C TYR B 76 -8.55 6.68 -3.12
N GLY B 77 -9.34 6.18 -2.17
CA GLY B 77 -9.34 6.75 -0.84
C GLY B 77 -7.94 6.82 -0.24
N LYS B 78 -7.20 5.72 -0.31
CA LYS B 78 -5.83 5.69 0.22
C LYS B 78 -4.97 6.77 -0.40
N GLY B 79 -5.03 6.89 -1.73
CA GLY B 79 -4.25 7.92 -2.40
C GLY B 79 -4.71 9.31 -2.06
N PHE B 80 -5.99 9.57 -1.88
CA PHE B 80 -6.48 10.95 -1.62
C PHE B 80 -6.16 11.34 -0.19
N SER B 81 -6.17 10.37 0.70
CA SER B 81 -5.86 10.60 2.12
C SER B 81 -4.41 11.05 2.27
N ARG B 82 -3.54 10.52 1.45
CA ARG B 82 -2.10 10.84 1.46
C ARG B 82 -1.88 12.19 0.80
N GLN B 83 -2.72 12.56 -0.17
CA GLN B 83 -2.66 13.86 -0.85
C GLN B 83 -3.05 14.96 0.12
N ILE B 84 -4.00 14.71 0.99
CA ILE B 84 -4.51 15.70 1.98
C ILE B 84 -3.37 16.03 2.92
N LEU B 85 -2.69 15.00 3.38
CA LEU B 85 -1.59 15.17 4.32
C LEU B 85 -0.43 15.86 3.60
N PHE B 86 -0.29 15.66 2.29
CA PHE B 86 0.75 16.31 1.47
C PHE B 86 0.45 17.79 1.27
N LEU B 87 -0.82 18.14 1.13
CA LEU B 87 -1.23 19.55 0.94
C LEU B 87 -1.13 20.30 2.27
N ARG B 88 -1.09 19.59 3.38
CA ARG B 88 -0.93 20.23 4.69
C ARG B 88 0.55 20.51 4.91
N ASP B 89 1.43 19.60 4.47
CA ASP B 89 2.90 19.79 4.60
C ASP B 89 3.34 20.84 3.61
N GLN B 90 2.73 20.86 2.43
CA GLN B 90 3.15 21.81 1.38
C GLN B 90 2.73 23.21 1.79
N ALA B 91 1.47 23.38 2.16
CA ALA B 91 0.97 24.70 2.58
C ALA B 91 1.74 25.16 3.82
N GLN B 92 1.75 24.39 4.90
CA GLN B 92 2.63 24.80 6.02
C GLN B 92 4.03 24.70 5.43
N LYS B 93 5.07 25.25 6.05
CA LYS B 93 6.40 25.21 5.38
C LYS B 93 6.32 26.12 4.17
N ARG B 94 5.18 26.76 3.97
CA ARG B 94 5.03 27.80 2.92
C ARG B 94 4.50 28.95 3.73
N PHE B 95 4.38 28.72 5.04
CA PHE B 95 3.78 29.72 5.93
C PHE B 95 2.57 30.33 5.22
N LEU B 96 1.66 29.47 4.73
CA LEU B 96 0.42 29.96 4.08
C LEU B 96 -0.67 30.10 5.13
N ASP B 97 -1.65 30.96 4.88
CA ASP B 97 -2.80 31.21 5.79
C ASP B 97 -3.53 29.94 6.16
N ALA B 98 -3.92 29.84 7.42
CA ALA B 98 -4.70 28.68 7.90
C ALA B 98 -6.08 28.79 7.28
N TYR B 99 -6.41 29.97 6.78
CA TYR B 99 -7.68 30.19 6.09
C TYR B 99 -7.59 29.65 4.68
N ASP B 100 -6.48 29.92 4.03
CA ASP B 100 -6.38 29.59 2.60
C ASP B 100 -6.14 28.09 2.47
N LEU B 101 -5.59 27.46 3.49
CA LEU B 101 -5.42 26.00 3.44
C LEU B 101 -6.79 25.34 3.49
N ARG B 102 -7.68 25.88 4.31
CA ARG B 102 -9.02 25.33 4.52
C ARG B 102 -9.93 25.58 3.33
N GLU B 103 -9.59 26.53 2.49
CA GLU B 103 -10.36 26.83 1.27
C GLU B 103 -9.86 25.90 0.16
N ASP B 104 -8.60 25.54 0.19
CA ASP B 104 -7.97 24.62 -0.80
C ASP B 104 -8.40 23.21 -0.46
N LEU B 105 -8.07 22.72 0.73
CA LEU B 105 -8.54 21.39 1.19
C LEU B 105 -10.03 21.21 0.85
N THR B 106 -10.82 22.24 1.01
CA THR B 106 -12.29 22.19 0.76
C THR B 106 -12.58 22.21 -0.75
N ARG B 107 -11.75 22.90 -1.51
CA ARG B 107 -11.81 22.85 -2.99
C ARG B 107 -11.30 21.49 -3.49
N GLN B 108 -10.24 20.97 -2.88
CA GLN B 108 -9.55 19.72 -3.25
C GLN B 108 -10.44 18.51 -2.99
N VAL B 109 -11.17 18.48 -1.90
CA VAL B 109 -12.13 17.38 -1.61
C VAL B 109 -13.30 17.52 -2.58
N ARG B 110 -13.60 18.68 -3.09
CA ARG B 110 -14.73 18.75 -4.02
C ARG B 110 -14.26 18.28 -5.39
N THR B 111 -13.03 18.61 -5.74
CA THR B 111 -12.47 18.20 -7.04
C THR B 111 -12.44 16.68 -7.04
N ALA B 112 -11.90 16.10 -5.99
CA ALA B 112 -11.72 14.65 -5.91
C ALA B 112 -13.04 13.93 -6.04
N LEU B 113 -14.06 14.41 -5.35
CA LEU B 113 -15.34 13.76 -5.51
C LEU B 113 -15.84 13.82 -6.95
N ALA B 114 -15.80 14.96 -7.59
CA ALA B 114 -16.29 15.15 -8.98
C ALA B 114 -15.62 14.22 -9.99
N ALA B 115 -14.40 13.81 -9.73
CA ALA B 115 -13.64 12.96 -10.66
C ALA B 115 -14.02 11.48 -10.50
N ASN B 116 -14.48 11.06 -9.33
CA ASN B 116 -14.96 9.67 -9.16
C ASN B 116 -16.47 9.76 -8.98
N PRO B 117 -17.27 9.52 -10.03
CA PRO B 117 -18.74 9.51 -9.87
C PRO B 117 -19.27 8.17 -9.38
N GLU B 118 -18.40 7.16 -9.24
CA GLU B 118 -18.80 5.98 -8.52
C GLU B 118 -18.79 6.21 -7.02
N VAL B 119 -18.32 7.38 -6.57
CA VAL B 119 -18.31 7.74 -5.12
C VAL B 119 -19.47 8.70 -4.82
N LEU B 120 -20.15 8.50 -3.69
CA LEU B 120 -21.35 9.31 -3.34
C LEU B 120 -20.97 10.47 -2.44
N GLY B 121 -20.07 10.20 -1.53
CA GLY B 121 -19.61 11.29 -0.67
C GLY B 121 -18.17 11.16 -0.29
N LEU B 122 -17.58 12.31 0.00
CA LEU B 122 -16.15 12.33 0.40
C LEU B 122 -16.02 13.17 1.67
N TYR B 123 -15.61 12.55 2.79
CA TYR B 123 -15.53 13.21 4.11
C TYR B 123 -14.09 13.39 4.58
N VAL B 124 -13.83 14.45 5.32
CA VAL B 124 -12.48 14.72 5.89
C VAL B 124 -12.67 15.35 7.25
N VAL B 125 -12.33 14.61 8.31
CA VAL B 125 -12.43 15.14 9.70
C VAL B 125 -11.06 15.09 10.35
N PHE B 126 -10.64 16.22 10.86
CA PHE B 126 -9.39 16.25 11.64
C PHE B 126 -9.75 16.22 13.13
N GLU B 127 -8.77 15.89 13.95
CA GLU B 127 -8.95 15.94 15.40
C GLU B 127 -8.80 17.40 15.84
N PRO B 128 -9.39 17.75 16.99
CA PRO B 128 -9.33 19.12 17.48
C PRO B 128 -7.96 19.83 17.40
N ASN B 129 -7.90 20.93 16.67
CA ASN B 129 -6.68 21.75 16.46
C ASN B 129 -5.56 20.95 15.81
N ALA B 130 -5.83 19.79 15.21
CA ALA B 130 -4.77 18.93 14.61
C ALA B 130 -4.58 19.16 13.11
N LEU B 131 -5.05 20.27 12.57
CA LEU B 131 -4.75 20.64 11.17
C LEU B 131 -3.85 21.88 11.17
N ASP B 132 -4.15 22.88 12.00
CA ASP B 132 -3.44 24.18 11.96
C ASP B 132 -3.25 24.75 13.37
N GLY B 133 -3.93 24.19 14.36
CA GLY B 133 -3.88 24.70 15.73
C GLY B 133 -4.83 25.84 15.93
N LYS B 134 -5.68 26.12 14.96
CA LYS B 134 -6.49 27.33 15.01
C LYS B 134 -7.96 27.03 14.82
N ASP B 135 -8.50 26.05 15.54
CA ASP B 135 -9.94 25.80 15.41
C ASP B 135 -10.75 27.01 15.85
N GLU B 136 -10.26 27.74 16.88
CA GLU B 136 -11.02 28.82 17.49
C GLU B 136 -11.37 29.91 16.50
N LEU B 137 -10.55 30.05 15.45
CA LEU B 137 -10.69 31.13 14.48
C LEU B 137 -11.62 30.80 13.33
N PHE B 138 -12.03 29.54 13.18
CA PHE B 138 -12.92 29.12 12.09
C PHE B 138 -14.18 28.49 12.64
N VAL B 139 -14.62 28.96 13.80
CA VAL B 139 -15.82 28.41 14.42
C VAL B 139 -17.04 28.86 13.64
N ASP B 140 -17.93 27.91 13.36
CA ASP B 140 -19.16 28.19 12.65
C ASP B 140 -18.88 28.85 11.30
N GLN B 141 -17.83 28.38 10.62
CA GLN B 141 -17.48 28.79 9.25
C GLN B 141 -17.57 27.57 8.34
N PRO B 142 -18.79 27.15 7.95
CA PRO B 142 -18.94 25.89 7.21
C PRO B 142 -18.52 25.96 5.74
N ALA B 143 -18.40 27.15 5.15
CA ALA B 143 -17.77 27.21 3.84
C ALA B 143 -16.27 26.98 3.91
N LEU B 144 -15.72 26.80 5.12
CA LEU B 144 -14.33 26.42 5.28
C LEU B 144 -14.20 25.07 5.96
N GLY B 145 -15.22 24.21 5.78
CA GLY B 145 -15.16 22.85 6.29
C GLY B 145 -15.07 22.76 7.79
N SER B 146 -15.44 23.83 8.49
CA SER B 146 -15.23 24.00 9.92
C SER B 146 -16.58 24.06 10.63
N ASN B 147 -16.70 23.37 11.75
CA ASN B 147 -18.02 23.17 12.35
C ASN B 147 -18.21 24.08 13.56
N ASP B 148 -19.30 23.83 14.30
CA ASP B 148 -19.70 24.66 15.43
C ASP B 148 -18.56 24.90 16.42
N LYS B 149 -17.61 23.97 16.51
CA LYS B 149 -16.39 24.21 17.28
C LYS B 149 -15.17 24.43 16.38
N GLY B 150 -15.39 24.78 15.12
CA GLY B 150 -14.28 25.09 14.23
C GLY B 150 -13.40 23.90 13.93
N ARG B 151 -13.87 22.70 14.28
CA ARG B 151 -13.22 21.49 13.80
C ARG B 151 -13.34 21.41 12.30
N PHE B 152 -12.28 20.92 11.65
CA PHE B 152 -12.36 20.65 10.21
C PHE B 152 -13.08 19.32 10.00
N SER B 153 -14.40 19.36 9.99
CA SER B 153 -15.20 18.22 9.54
C SER B 153 -15.97 18.68 8.30
N LEU B 154 -15.66 18.09 7.14
CA LEU B 154 -16.24 18.47 5.87
C LEU B 154 -16.75 17.26 5.10
N TYR B 155 -17.98 17.34 4.59
CA TYR B 155 -18.57 16.29 3.72
C TYR B 155 -19.03 16.88 2.40
N TRP B 156 -18.52 16.35 1.32
CA TRP B 156 -18.98 16.71 -0.03
C TRP B 156 -19.65 15.47 -0.61
N ALA B 157 -20.93 15.57 -0.95
CA ALA B 157 -21.65 14.45 -1.55
C ALA B 157 -22.35 14.83 -2.86
N GLN B 158 -22.37 13.90 -3.81
CA GLN B 158 -23.08 14.07 -5.09
C GLN B 158 -24.14 12.99 -5.17
N ALA B 159 -25.28 13.17 -4.52
CA ALA B 159 -26.38 12.20 -4.63
C ALA B 159 -26.85 12.18 -6.08
N THR B 160 -26.96 13.37 -6.67
CA THR B 160 -27.29 13.50 -8.10
C THR B 160 -25.95 13.73 -8.79
N PRO B 161 -25.59 13.00 -9.85
CA PRO B 161 -24.26 13.07 -10.45
C PRO B 161 -23.65 14.47 -10.55
N GLY B 162 -24.48 15.45 -10.88
CA GLY B 162 -23.95 16.80 -11.11
C GLY B 162 -24.04 17.64 -9.89
N GLN B 163 -25.08 17.45 -9.10
CA GLN B 163 -25.32 18.32 -7.93
C GLN B 163 -24.37 17.96 -6.78
N LEU B 164 -23.41 18.83 -6.49
CA LEU B 164 -22.42 18.60 -5.42
C LEU B 164 -22.68 19.56 -4.26
N GLU B 165 -23.02 19.04 -3.09
CA GLU B 165 -23.38 19.85 -1.92
C GLU B 165 -22.49 19.50 -0.73
N SER B 166 -22.06 20.52 0.00
CA SER B 166 -21.15 20.36 1.12
C SER B 166 -21.86 20.58 2.46
N GLU B 167 -21.27 20.02 3.52
CA GLU B 167 -21.73 20.19 4.89
C GLU B 167 -20.51 20.25 5.80
N SER B 168 -20.63 20.94 6.91
CA SER B 168 -19.59 20.80 7.95
C SER B 168 -20.35 20.10 9.06
N MET B 169 -19.94 18.89 9.40
CA MET B 169 -20.65 18.07 10.37
C MET B 169 -20.40 18.53 11.79
N ILE B 170 -21.45 18.81 12.51
CA ILE B 170 -21.34 19.26 13.90
C ILE B 170 -20.79 18.17 14.83
N GLU B 171 -20.33 18.52 16.01
CA GLU B 171 -19.69 17.59 16.96
C GLU B 171 -20.69 16.57 17.50
N SER B 172 -21.97 16.88 17.40
CA SER B 172 -23.04 15.92 17.80
C SER B 172 -23.16 14.75 16.82
N GLU B 173 -23.01 15.00 15.54
CA GLU B 173 -23.10 13.95 14.50
C GLU B 173 -21.82 13.11 14.54
N LEU B 174 -20.72 13.73 14.90
CA LEU B 174 -19.43 13.05 14.94
C LEU B 174 -19.44 12.14 16.14
N ALA B 175 -20.31 12.43 17.09
CA ALA B 175 -20.37 11.70 18.37
C ALA B 175 -21.64 10.86 18.51
N ASP B 176 -22.42 10.75 17.45
CA ASP B 176 -23.59 9.85 17.46
C ASP B 176 -23.08 8.42 17.36
N THR B 177 -23.32 7.64 18.39
CA THR B 177 -22.88 6.24 18.44
C THR B 177 -24.14 5.41 18.34
N SER B 178 -25.21 6.01 17.88
CA SER B 178 -26.50 5.33 17.74
C SER B 178 -26.35 4.12 16.83
N SER B 179 -27.15 3.09 17.04
CA SER B 179 -26.99 1.82 16.31
C SER B 179 -27.83 1.75 15.04
N GLY B 180 -27.28 1.13 14.02
CA GLY B 180 -27.98 0.98 12.76
C GLY B 180 -28.50 -0.40 12.52
N PRO B 181 -28.82 -0.74 11.27
CA PRO B 181 -29.38 -2.07 10.94
C PRO B 181 -28.33 -3.11 11.37
N SER B 182 -27.04 -2.82 11.20
CA SER B 182 -25.95 -3.60 11.82
C SER B 182 -25.98 -3.04 13.24
N GLY B 183 -25.41 -3.66 14.23
CA GLY B 183 -25.51 -2.99 15.53
C GLY B 183 -24.39 -2.04 15.77
N ALA B 184 -24.09 -1.21 14.79
CA ALA B 184 -22.86 -0.41 14.88
C ALA B 184 -23.12 1.07 14.99
N ALA B 185 -22.27 1.74 15.74
CA ALA B 185 -22.36 3.18 15.89
C ALA B 185 -22.42 3.83 14.53
N TYR B 186 -22.99 5.01 14.46
CA TYR B 186 -23.09 5.74 13.19
C TYR B 186 -21.76 6.43 12.91
N ASN B 187 -21.05 6.83 13.95
CA ASN B 187 -19.81 7.62 13.88
C ASN B 187 -18.65 6.71 13.50
N ALA B 188 -18.94 5.46 13.23
CA ALA B 188 -17.91 4.46 12.93
C ALA B 188 -17.12 4.90 11.71
N TRP B 189 -17.74 5.70 10.86
CA TRP B 189 -17.06 6.26 9.68
C TRP B 189 -15.96 7.19 10.16
N TYR B 190 -15.83 7.36 11.46
CA TYR B 190 -14.81 8.24 12.06
C TYR B 190 -14.11 7.53 13.21
N THR B 191 -14.88 6.90 14.06
CA THR B 191 -14.32 6.28 15.28
C THR B 191 -13.67 4.98 14.93
N CYS B 192 -13.94 4.45 13.77
CA CYS B 192 -13.35 3.17 13.46
C CYS B 192 -11.88 3.29 13.09
N PRO B 193 -11.44 4.06 12.09
CA PRO B 193 -10.04 4.15 11.82
C PRO B 193 -9.23 4.96 12.83
N LYS B 194 -9.91 5.77 13.63
CA LYS B 194 -9.30 6.58 14.68
C LYS B 194 -8.85 5.63 15.79
N GLU B 195 -9.71 4.71 16.15
CA GLU B 195 -9.46 3.72 17.23
C GLU B 195 -8.46 2.65 16.77
N SER B 196 -8.69 2.05 15.63
CA SER B 196 -7.86 0.93 15.12
C SER B 196 -6.57 1.35 14.47
N GLY B 197 -6.51 2.55 13.93
CA GLY B 197 -5.31 3.04 13.23
C GLY B 197 -5.14 2.50 11.84
N GLN B 198 -6.18 1.81 11.41
CA GLN B 198 -6.14 1.12 10.12
C GLN B 198 -7.43 1.41 9.35
N PRO B 199 -7.40 1.26 8.02
CA PRO B 199 -8.57 1.48 7.22
C PRO B 199 -9.76 0.56 7.57
N CYS B 200 -10.98 1.05 7.39
CA CYS B 200 -12.19 0.33 7.83
C CYS B 200 -13.23 0.31 6.70
N VAL B 201 -13.74 -0.86 6.31
CA VAL B 201 -14.89 -0.99 5.38
C VAL B 201 -16.08 -1.24 6.30
N LEU B 202 -17.01 -0.31 6.33
CA LEU B 202 -18.13 -0.37 7.28
C LEU B 202 -19.34 -1.11 6.71
N ASP B 203 -20.13 -1.70 7.60
CA ASP B 203 -21.33 -2.48 7.23
C ASP B 203 -22.40 -1.49 6.83
N PRO B 204 -23.23 -1.79 5.83
CA PRO B 204 -24.19 -0.82 5.39
C PRO B 204 -24.88 -0.02 6.50
N TYR B 205 -25.23 1.22 6.20
CA TYR B 205 -25.89 2.11 7.19
C TYR B 205 -26.64 3.22 6.47
N PHE B 206 -27.52 3.90 7.19
CA PHE B 206 -28.29 5.02 6.62
C PHE B 206 -27.68 6.34 7.05
N ASP B 207 -27.74 7.31 6.17
CA ASP B 207 -27.25 8.67 6.43
C ASP B 207 -27.95 9.68 5.53
N LYS B 208 -27.81 10.97 5.81
CA LYS B 208 -28.45 11.96 4.92
C LYS B 208 -27.41 12.66 4.03
N VAL B 209 -27.69 12.68 2.73
CA VAL B 209 -26.84 13.46 1.79
C VAL B 209 -27.81 14.49 1.24
N GLY B 210 -27.83 15.67 1.86
CA GLY B 210 -28.84 16.67 1.48
C GLY B 210 -30.07 16.47 2.31
N GLU B 211 -31.12 15.88 1.74
CA GLU B 211 -32.37 15.65 2.48
C GLU B 211 -32.84 14.25 2.12
N ARG B 212 -32.06 13.58 1.28
CA ARG B 212 -32.38 12.19 0.89
C ARG B 212 -31.65 11.25 1.86
N GLN B 213 -32.40 10.31 2.43
CA GLN B 213 -31.85 9.25 3.29
C GLN B 213 -31.43 8.14 2.35
N LEU B 214 -30.21 7.68 2.54
CA LEU B 214 -29.70 6.66 1.62
C LEU B 214 -29.00 5.58 2.44
N LEU B 215 -28.95 4.39 1.88
CA LEU B 215 -28.28 3.26 2.53
C LEU B 215 -26.91 3.17 1.86
N MET B 216 -25.85 3.32 2.64
CA MET B 216 -24.47 3.42 2.11
C MET B 216 -23.47 2.59 2.88
N THR B 217 -22.37 2.23 2.24
CA THR B 217 -21.22 1.63 2.95
C THR B 217 -20.12 2.69 2.96
N SER B 218 -19.16 2.59 3.85
CA SER B 218 -18.03 3.52 3.77
C SER B 218 -16.67 2.83 3.83
N ILE B 219 -15.70 3.43 3.15
CA ILE B 219 -14.28 3.00 3.30
C ILE B 219 -13.60 4.16 4.03
N ALA B 220 -13.21 3.95 5.28
CA ALA B 220 -12.63 5.00 6.15
C ALA B 220 -11.14 4.83 6.37
N PHE B 221 -10.43 5.92 6.29
CA PHE B 221 -8.95 5.84 6.37
C PHE B 221 -8.42 6.77 7.43
N PRO B 222 -7.50 6.29 8.27
CA PRO B 222 -6.83 7.15 9.25
C PRO B 222 -5.87 8.12 8.56
N LEU B 223 -5.91 9.37 9.00
CA LEU B 223 -4.90 10.36 8.65
C LEU B 223 -3.88 10.37 9.78
N GLU B 224 -2.71 9.81 9.50
CA GLU B 224 -1.65 9.55 10.47
C GLU B 224 -0.44 10.44 10.18
N LEU B 225 0.06 11.12 11.21
CA LEU B 225 1.28 11.93 11.12
C LEU B 225 2.16 11.67 12.33
N ASP B 226 3.37 11.15 12.10
CA ASP B 226 4.31 10.85 13.18
C ASP B 226 3.76 9.76 14.09
N GLY B 227 3.09 8.76 13.51
CA GLY B 227 2.67 7.60 14.27
C GLY B 227 1.39 7.72 15.07
N LYS B 228 0.80 8.91 15.20
CA LYS B 228 -0.54 9.03 15.78
C LYS B 228 -1.53 9.51 14.72
N VAL B 229 -2.74 8.95 14.79
CA VAL B 229 -3.86 9.38 13.95
C VAL B 229 -4.25 10.82 14.30
N ILE B 230 -4.25 11.71 13.31
CA ILE B 230 -4.68 13.09 13.50
C ILE B 230 -5.99 13.41 12.80
N GLY B 231 -6.49 12.48 12.03
CA GLY B 231 -7.77 12.68 11.38
C GLY B 231 -8.24 11.46 10.64
N VAL B 232 -9.36 11.62 9.92
CA VAL B 232 -9.91 10.52 9.10
C VAL B 232 -10.41 11.09 7.78
N MET B 233 -10.15 10.37 6.70
CA MET B 233 -10.78 10.70 5.40
C MET B 233 -11.69 9.52 5.10
N GLY B 234 -12.82 9.80 4.52
CA GLY B 234 -13.58 8.63 4.12
C GLY B 234 -14.31 8.74 2.83
N LEU B 235 -14.57 7.58 2.27
CA LEU B 235 -15.32 7.47 1.01
C LEU B 235 -16.65 6.81 1.33
N ASP B 236 -17.72 7.31 0.76
CA ASP B 236 -19.08 6.72 0.93
C ASP B 236 -19.49 6.06 -0.38
N ILE B 237 -20.03 4.85 -0.32
CA ILE B 237 -20.51 4.14 -1.54
C ILE B 237 -22.01 3.89 -1.40
N ASN B 238 -22.79 4.30 -2.40
CA ASN B 238 -24.24 4.05 -2.41
C ASN B 238 -24.49 2.56 -2.66
N LEU B 239 -25.40 1.96 -1.89
CA LEU B 239 -25.71 0.53 -2.02
C LEU B 239 -26.38 0.27 -3.37
N SER B 240 -26.74 1.33 -4.08
CA SER B 240 -27.41 1.22 -5.39
C SER B 240 -26.39 0.83 -6.46
N ASN B 241 -25.17 1.24 -6.27
CA ASN B 241 -24.07 0.92 -7.20
C ASN B 241 -23.74 -0.56 -7.02
N LEU B 242 -23.78 -1.08 -5.79
CA LEU B 242 -23.51 -2.49 -5.46
C LEU B 242 -24.67 -3.37 -5.88
N GLN B 243 -25.88 -2.90 -5.74
CA GLN B 243 -27.08 -3.58 -6.26
C GLN B 243 -27.00 -3.63 -7.79
N ALA B 244 -26.52 -2.58 -8.42
CA ALA B 244 -26.28 -2.58 -9.88
C ALA B 244 -25.28 -3.66 -10.25
N LEU B 245 -24.19 -3.77 -9.51
CA LEU B 245 -23.17 -4.81 -9.74
C LEU B 245 -23.80 -6.18 -9.50
N SER B 246 -24.66 -6.27 -8.50
CA SER B 246 -25.40 -7.51 -8.16
C SER B 246 -26.40 -7.86 -9.24
N GLU B 247 -27.02 -6.85 -9.85
CA GLU B 247 -28.03 -7.06 -10.90
C GLU B 247 -27.29 -7.29 -12.21
N GLN B 248 -26.15 -6.66 -12.37
CA GLN B 248 -25.25 -6.89 -13.52
C GLN B 248 -24.72 -8.30 -13.41
N GLY B 249 -24.28 -8.74 -12.23
CA GLY B 249 -23.75 -10.07 -12.10
C GLY B 249 -24.78 -11.14 -12.43
N ASN B 250 -25.96 -11.02 -11.83
CA ASN B 250 -26.99 -12.03 -12.08
C ASN B 250 -27.20 -12.23 -13.58
N ARG B 251 -27.14 -11.14 -14.34
CA ARG B 251 -27.29 -11.20 -15.79
C ARG B 251 -26.24 -12.10 -16.44
N GLU B 252 -24.97 -11.80 -16.21
CA GLU B 252 -23.89 -12.70 -16.67
C GLU B 252 -24.23 -14.16 -16.37
N LEU B 253 -24.76 -14.43 -15.16
CA LEU B 253 -24.90 -15.78 -14.61
C LEU B 253 -26.15 -16.42 -15.17
N TYR B 254 -25.95 -17.37 -16.08
CA TYR B 254 -27.01 -18.17 -16.71
C TYR B 254 -28.19 -17.29 -17.10
N ASP B 255 -27.90 -16.24 -17.81
CA ASP B 255 -28.85 -15.24 -18.29
C ASP B 255 -29.85 -14.82 -17.22
N GLY B 256 -29.39 -14.70 -15.98
CA GLY B 256 -30.19 -14.16 -14.91
C GLY B 256 -31.29 -15.06 -14.39
N VAL B 257 -31.15 -16.35 -14.55
CA VAL B 257 -32.28 -17.25 -14.18
C VAL B 257 -32.47 -17.32 -12.67
N GLY B 258 -31.41 -17.15 -11.87
CA GLY B 258 -31.48 -17.21 -10.41
C GLY B 258 -31.24 -15.87 -9.75
N GLN B 259 -30.23 -15.80 -8.88
CA GLN B 259 -30.05 -14.53 -8.13
C GLN B 259 -28.66 -14.38 -7.51
N VAL B 260 -28.07 -13.22 -7.66
CA VAL B 260 -26.76 -12.89 -7.04
C VAL B 260 -26.97 -11.81 -5.96
N GLY B 261 -26.60 -12.12 -4.72
CA GLY B 261 -26.65 -11.13 -3.62
C GLY B 261 -25.31 -10.90 -2.97
N ILE B 262 -25.08 -9.69 -2.47
CA ILE B 262 -23.85 -9.34 -1.72
C ILE B 262 -24.26 -9.25 -0.27
N LEU B 263 -23.44 -9.82 0.60
CA LEU B 263 -23.72 -9.83 2.04
C LEU B 263 -22.59 -9.18 2.82
N SER B 264 -22.94 -8.29 3.73
CA SER B 264 -21.96 -7.64 4.64
C SER B 264 -21.67 -8.56 5.80
N PRO B 265 -20.52 -8.39 6.46
CA PRO B 265 -20.16 -9.22 7.59
C PRO B 265 -21.26 -9.48 8.66
N ALA B 266 -22.26 -8.63 8.75
CA ALA B 266 -23.34 -8.72 9.77
C ALA B 266 -24.66 -9.30 9.25
N GLY B 267 -24.76 -9.65 7.97
CA GLY B 267 -25.97 -10.24 7.39
C GLY B 267 -26.88 -9.28 6.69
N LEU B 268 -26.37 -8.10 6.42
CA LEU B 268 -27.16 -7.10 5.68
C LEU B 268 -26.87 -7.25 4.20
N PHE B 269 -27.91 -7.03 3.39
CA PHE B 269 -27.76 -7.13 1.95
C PHE B 269 -27.18 -5.83 1.39
N ALA B 270 -26.02 -5.91 0.77
CA ALA B 270 -25.40 -4.76 0.08
C ALA B 270 -25.83 -4.89 -1.37
N GLY B 271 -26.61 -5.93 -1.67
CA GLY B 271 -27.15 -6.17 -3.00
C GLY B 271 -27.99 -7.42 -3.08
N ASN B 272 -29.12 -7.37 -3.76
CA ASN B 272 -30.01 -8.53 -4.02
C ASN B 272 -30.65 -8.32 -5.38
N SER B 273 -30.29 -9.16 -6.35
CA SER B 273 -30.77 -9.01 -7.75
C SER B 273 -32.28 -9.16 -7.82
N ARG B 274 -32.87 -9.88 -6.86
CA ARG B 274 -34.33 -10.15 -6.89
C ARG B 274 -35.14 -9.18 -6.03
N ASP B 275 -34.56 -8.52 -5.06
CA ASP B 275 -35.35 -7.52 -4.30
C ASP B 275 -34.44 -6.39 -3.83
N ALA B 276 -34.51 -5.29 -4.53
CA ALA B 276 -33.79 -4.10 -4.08
C ALA B 276 -34.38 -3.64 -2.77
N GLY B 277 -35.48 -4.24 -2.36
CA GLY B 277 -36.11 -3.92 -1.07
C GLY B 277 -35.39 -4.58 0.07
N LEU B 278 -34.78 -5.73 -0.18
CA LEU B 278 -34.03 -6.45 0.87
C LEU B 278 -32.70 -5.75 1.16
N LEU B 279 -32.47 -4.60 0.54
CA LEU B 279 -31.20 -3.83 0.73
C LEU B 279 -31.13 -3.26 2.13
N GLY B 280 -30.02 -3.51 2.82
CA GLY B 280 -29.79 -3.00 4.19
C GLY B 280 -30.61 -3.74 5.20
N LYS B 281 -31.10 -4.90 4.82
CA LYS B 281 -31.94 -5.71 5.69
C LYS B 281 -31.19 -7.02 5.93
N ASN B 282 -31.54 -7.76 6.97
CA ASN B 282 -30.77 -8.97 7.37
C ASN B 282 -31.24 -10.22 6.64
N LEU B 283 -30.29 -11.10 6.41
CA LEU B 283 -30.49 -12.41 5.81
C LEU B 283 -31.38 -13.19 6.77
N ALA B 284 -31.41 -12.84 8.05
CA ALA B 284 -32.30 -13.54 8.99
C ALA B 284 -33.77 -13.19 8.71
N LYS B 285 -34.06 -11.94 8.37
CA LYS B 285 -35.45 -11.57 8.01
C LYS B 285 -35.66 -11.60 6.48
N ALA B 286 -35.11 -12.64 5.87
CA ALA B 286 -35.15 -13.04 4.47
C ALA B 286 -35.48 -14.52 4.60
N ASP B 287 -34.47 -15.29 4.99
CA ASP B 287 -34.60 -16.74 5.30
C ASP B 287 -33.78 -17.06 6.54
N PRO B 288 -34.39 -16.96 7.75
CA PRO B 288 -33.65 -17.05 9.01
C PRO B 288 -33.29 -18.49 9.40
N GLN B 289 -33.69 -19.45 8.55
CA GLN B 289 -33.44 -20.86 8.89
C GLN B 289 -31.95 -21.21 8.69
N HIS B 290 -31.28 -20.58 7.73
CA HIS B 290 -29.85 -20.86 7.46
C HIS B 290 -29.09 -19.54 7.40
N ALA B 291 -29.02 -18.81 8.51
CA ALA B 291 -28.48 -17.44 8.42
C ALA B 291 -27.34 -17.15 9.40
N GLY B 292 -27.21 -17.92 10.48
CA GLY B 292 -26.05 -17.78 11.38
C GLY B 292 -24.99 -18.73 10.93
N GLU B 293 -25.42 -19.80 10.28
CA GLU B 293 -24.48 -20.76 9.69
C GLU B 293 -23.70 -20.05 8.61
N LEU B 294 -24.42 -19.36 7.73
CA LEU B 294 -23.81 -18.70 6.57
C LEU B 294 -22.87 -17.60 7.06
N LEU B 295 -23.21 -17.01 8.18
CA LEU B 295 -22.42 -15.87 8.67
C LEU B 295 -21.21 -16.35 9.45
N GLN B 296 -21.28 -17.52 10.08
CA GLN B 296 -20.12 -18.13 10.76
C GLN B 296 -19.16 -18.62 9.71
N LEU B 297 -19.70 -18.99 8.56
CA LEU B 297 -18.89 -19.46 7.44
C LEU B 297 -18.22 -18.27 6.77
N LEU B 298 -18.99 -17.21 6.55
CA LEU B 298 -18.43 -15.99 5.94
C LEU B 298 -17.37 -15.44 6.88
N ALA B 299 -17.58 -15.58 8.17
CA ALA B 299 -16.63 -15.09 9.19
C ALA B 299 -15.41 -15.98 9.24
N ALA B 300 -15.56 -17.24 8.88
CA ALA B 300 -14.43 -18.19 8.85
C ALA B 300 -13.71 -18.16 7.52
N GLY B 301 -14.27 -17.48 6.52
CA GLY B 301 -13.67 -17.39 5.18
C GLY B 301 -13.87 -18.67 4.47
N LYS B 302 -14.98 -19.32 4.77
CA LYS B 302 -15.21 -20.68 4.26
C LYS B 302 -16.34 -20.66 3.25
N SER B 303 -16.09 -21.25 2.09
CA SER B 303 -17.08 -21.24 0.99
C SER B 303 -18.03 -22.42 1.14
N ARG B 304 -19.31 -22.19 0.85
CA ARG B 304 -20.26 -23.31 0.98
C ARG B 304 -21.04 -23.49 -0.32
N LEU B 305 -21.64 -24.64 -0.48
CA LEU B 305 -22.46 -25.09 -1.62
C LEU B 305 -23.62 -25.84 -1.00
N PHE B 306 -24.85 -25.58 -1.42
CA PHE B 306 -25.99 -26.28 -0.80
C PHE B 306 -26.99 -26.72 -1.86
N ASN B 307 -27.44 -27.98 -1.79
CA ASN B 307 -28.43 -28.56 -2.74
C ASN B 307 -29.83 -28.04 -2.49
N GLU B 308 -30.17 -27.68 -1.27
CA GLU B 308 -31.52 -27.16 -0.97
C GLU B 308 -32.64 -28.04 -1.57
N ASP B 311 -33.16 -25.52 -5.67
CA ASP B 311 -32.05 -24.98 -6.49
C ASP B 311 -30.75 -25.27 -5.76
N LEU B 312 -29.63 -24.76 -6.27
CA LEU B 312 -28.32 -24.90 -5.60
C LEU B 312 -27.77 -23.50 -5.37
N LYS B 313 -27.13 -23.27 -4.23
CA LYS B 313 -26.64 -21.94 -3.85
C LYS B 313 -25.15 -22.02 -3.59
N VAL B 314 -24.48 -20.88 -3.58
CA VAL B 314 -23.02 -20.85 -3.32
C VAL B 314 -22.66 -19.58 -2.57
N LEU B 315 -22.17 -19.71 -1.34
CA LEU B 315 -21.61 -18.54 -0.63
C LEU B 315 -20.10 -18.45 -0.93
N GLN B 316 -19.67 -17.31 -1.41
CA GLN B 316 -18.25 -17.10 -1.67
C GLN B 316 -17.79 -15.93 -0.82
N PRO B 317 -17.03 -16.19 0.24
CA PRO B 317 -16.47 -15.11 1.00
C PRO B 317 -15.60 -14.15 0.17
N LEU B 318 -15.47 -12.89 0.57
CA LEU B 318 -14.54 -11.95 -0.07
C LEU B 318 -14.08 -10.90 0.93
N GLN B 319 -12.82 -10.49 0.86
CA GLN B 319 -12.35 -9.39 1.70
C GLN B 319 -12.41 -8.14 0.83
N PRO B 320 -13.26 -7.13 1.09
CA PRO B 320 -13.39 -5.97 0.22
C PRO B 320 -12.13 -5.12 0.19
N ILE B 321 -11.56 -4.93 1.36
CA ILE B 321 -10.28 -4.19 1.56
C ILE B 321 -9.32 -5.12 2.29
N PRO B 322 -8.01 -4.87 2.25
CA PRO B 322 -7.08 -5.75 2.89
C PRO B 322 -7.33 -5.77 4.40
N GLY B 323 -7.35 -6.97 4.97
CA GLY B 323 -7.54 -7.14 6.41
C GLY B 323 -8.95 -6.94 6.91
N ALA B 324 -9.91 -6.91 6.01
CA ALA B 324 -11.33 -6.71 6.37
C ALA B 324 -11.95 -8.02 6.83
N LYS B 325 -12.99 -7.93 7.65
CA LYS B 325 -13.73 -9.15 8.04
C LYS B 325 -14.42 -9.56 6.76
N PRO B 326 -14.45 -10.83 6.36
CA PRO B 326 -15.00 -11.15 5.06
C PRO B 326 -16.45 -10.80 4.75
N TRP B 327 -16.62 -10.18 3.59
CA TRP B 327 -17.94 -9.93 3.00
C TRP B 327 -18.26 -11.14 2.13
N GLY B 328 -19.45 -11.20 1.63
CA GLY B 328 -19.75 -12.39 0.83
C GLY B 328 -20.70 -12.25 -0.32
N VAL B 329 -20.52 -13.10 -1.30
CA VAL B 329 -21.48 -13.14 -2.42
C VAL B 329 -22.23 -14.46 -2.31
N LEU B 330 -23.54 -14.38 -2.36
CA LEU B 330 -24.38 -15.60 -2.36
C LEU B 330 -25.03 -15.67 -3.73
N LEU B 331 -24.86 -16.80 -4.42
CA LEU B 331 -25.40 -17.01 -5.77
C LEU B 331 -26.37 -18.17 -5.75
N GLU B 332 -27.58 -17.96 -6.23
CA GLU B 332 -28.60 -19.03 -6.31
C GLU B 332 -28.99 -19.22 -7.77
N VAL B 333 -28.96 -20.47 -8.25
CA VAL B 333 -29.29 -20.79 -9.66
C VAL B 333 -30.19 -22.01 -9.67
N PRO B 334 -31.35 -21.99 -10.36
CA PRO B 334 -32.19 -23.17 -10.51
C PRO B 334 -31.47 -24.24 -11.32
N LYS B 335 -31.69 -25.51 -11.01
CA LYS B 335 -30.92 -26.58 -11.72
C LYS B 335 -31.33 -26.55 -13.18
N SER B 336 -30.42 -26.13 -14.03
CA SER B 336 -30.68 -25.98 -15.47
C SER B 336 -29.81 -27.01 -16.14
N ALA B 337 -28.69 -27.36 -15.50
CA ALA B 337 -27.70 -28.34 -16.00
C ALA B 337 -26.32 -27.85 -15.54
#